data_9DTK
#
_entry.id   9DTK
#
_cell.length_a   120.032
_cell.length_b   37.533
_cell.length_c   77.902
_cell.angle_alpha   90.00
_cell.angle_beta   91.09
_cell.angle_gamma   90.00
#
_symmetry.space_group_name_H-M   'C 1 2 1'
#
loop_
_entity.id
_entity.type
_entity.pdbx_description
1 polymer 'UDP-N-acetylenolpyruvoylglucosamine reductase'
2 non-polymer 'SULFATE ION'
3 non-polymer 'FLAVIN-ADENINE DINUCLEOTIDE'
4 non-polymer 'URIDINE-DIPHOSPHATE-2(N-ACETYLGLUCOSAMINYL) BUTYRIC ACID'
5 water water
#
_entity_poly.entity_id   1
_entity_poly.type   'polypeptide(L)'
_entity_poly.pdbx_seq_one_letter_code
;MMESGEALLKKLDGRLSGLRGRLTPDTGMDKITWFRAGGPAQVLFQPSDEEDLSAFLKAVPEEIPLLVVGIGSNLLVRDG
GVPGFVVRLSAKGFGEVEQVCDTQLRAGAAAPDKRVAAAALEAGLAGFHFYHGIPGGIGGALRMNAGANGVETRERVVEV
RALDRKGEVHVLSNADMGYAYRHSSASPDLIFTSVLFEGVPGERDDIRRAMDEVQHHRETVQPVREKTGGSTFKNPEGTS
AWKEIDKAGCRGLRVGGAQMSEMHCNFMINTGNATGHDLETLGETVRARVFENSGIRLHWEIKRLGLFREGEQIEEFLGK
IV
;
_entity_poly.pdbx_strand_id   A
#
# COMPACT_ATOMS: atom_id res chain seq x y z
N MET A 1 -22.94 10.04 11.31
CA MET A 1 -22.05 8.96 10.81
C MET A 1 -20.81 9.63 10.23
N MET A 2 -19.82 9.89 11.08
CA MET A 2 -18.63 10.63 10.68
C MET A 2 -18.96 12.09 10.42
N GLU A 3 -18.34 12.99 11.17
CA GLU A 3 -18.45 14.42 10.88
C GLU A 3 -17.79 14.72 9.54
N SER A 4 -18.25 15.76 8.88
CA SER A 4 -17.68 16.13 7.60
C SER A 4 -16.27 16.69 7.79
N GLY A 5 -15.56 16.82 6.67
CA GLY A 5 -14.24 17.44 6.72
C GLY A 5 -14.31 18.91 7.08
N GLU A 6 -15.31 19.62 6.55
CA GLU A 6 -15.63 20.97 6.99
C GLU A 6 -15.47 21.09 8.50
N ALA A 7 -16.27 20.33 9.23
CA ALA A 7 -16.29 20.43 10.68
C ALA A 7 -14.91 20.19 11.28
N LEU A 8 -14.13 19.28 10.67
CA LEU A 8 -12.77 19.06 11.12
C LEU A 8 -11.91 20.29 10.89
N LEU A 9 -11.98 20.86 9.68
CA LEU A 9 -11.19 22.04 9.38
C LEU A 9 -11.64 23.24 10.21
N LYS A 10 -12.93 23.32 10.54
CA LYS A 10 -13.42 24.45 11.31
C LYS A 10 -12.91 24.40 12.76
N LYS A 11 -12.87 23.20 13.35
CA LYS A 11 -12.28 23.09 14.68
C LYS A 11 -10.80 23.43 14.67
N LEU A 12 -10.12 23.19 13.55
CA LEU A 12 -8.71 23.52 13.38
C LEU A 12 -8.55 24.87 12.69
N ASP A 13 -9.13 25.89 13.29
CA ASP A 13 -9.14 27.22 12.70
C ASP A 13 -7.78 27.89 12.88
N GLY A 14 -7.15 28.26 11.76
CA GLY A 14 -5.94 29.04 11.77
C GLY A 14 -4.66 28.27 12.00
N ARG A 15 -4.72 27.11 12.66
CA ARG A 15 -3.52 26.31 12.86
C ARG A 15 -3.08 25.63 11.57
N LEU A 16 -3.94 25.56 10.56
CA LEU A 16 -3.59 24.98 9.27
C LEU A 16 -3.30 26.02 8.21
N SER A 17 -3.78 27.25 8.37
CA SER A 17 -3.34 28.34 7.50
C SER A 17 -1.82 28.39 7.48
N GLY A 18 -1.25 28.72 6.33
CA GLY A 18 0.18 28.66 6.15
C GLY A 18 0.68 27.31 5.68
N LEU A 19 -0.20 26.41 5.24
CA LEU A 19 0.18 25.14 4.65
C LEU A 19 -0.09 25.21 3.16
N ARG A 20 0.89 24.78 2.37
CA ARG A 20 0.85 24.97 0.92
C ARG A 20 0.28 23.79 0.17
N GLY A 21 0.33 22.59 0.75
CA GLY A 21 -0.32 21.45 0.13
C GLY A 21 -1.83 21.51 0.23
N ARG A 22 -2.47 20.83 -0.70
CA ARG A 22 -3.92 20.91 -0.83
C ARG A 22 -4.63 20.17 0.30
N LEU A 23 -5.73 20.75 0.78
CA LEU A 23 -6.58 20.17 1.82
C LEU A 23 -7.96 19.96 1.23
N THR A 24 -8.30 18.70 0.93
CA THR A 24 -9.57 18.38 0.29
C THR A 24 -10.46 17.60 1.25
N PRO A 25 -11.61 18.12 1.64
CA PRO A 25 -12.50 17.37 2.54
C PRO A 25 -13.36 16.35 1.80
N ASP A 26 -13.69 15.28 2.53
CA ASP A 26 -14.70 14.30 2.10
C ASP A 26 -14.31 13.61 0.80
N THR A 27 -13.02 13.43 0.57
CA THR A 27 -12.55 12.74 -0.64
C THR A 27 -12.78 11.24 -0.47
N GLY A 28 -13.58 10.67 -1.37
CA GLY A 28 -13.75 9.23 -1.36
C GLY A 28 -12.41 8.53 -1.47
N MET A 29 -12.24 7.46 -0.71
CA MET A 29 -11.02 6.68 -0.77
C MET A 29 -11.05 5.68 -1.92
N ASP A 30 -12.20 5.52 -2.58
CA ASP A 30 -12.29 4.82 -3.85
C ASP A 30 -11.62 5.61 -4.98
N LYS A 31 -11.47 6.91 -4.84
CA LYS A 31 -10.76 7.71 -5.83
C LYS A 31 -9.26 7.52 -5.74
N ILE A 32 -8.77 6.81 -4.73
CA ILE A 32 -7.36 6.89 -4.35
C ILE A 32 -6.83 5.52 -3.97
N THR A 33 -7.64 4.49 -4.17
CA THR A 33 -7.19 3.13 -3.92
C THR A 33 -7.44 2.28 -5.16
N TRP A 34 -6.59 1.28 -5.36
CA TRP A 34 -6.66 0.48 -6.56
C TRP A 34 -7.95 -0.32 -6.64
N PHE A 35 -8.51 -0.71 -5.50
CA PHE A 35 -9.80 -1.39 -5.50
C PHE A 35 -10.93 -0.51 -6.02
N ARG A 36 -10.75 0.81 -5.99
CA ARG A 36 -11.79 1.75 -6.41
C ARG A 36 -13.06 1.54 -5.58
N ALA A 37 -12.87 1.44 -4.27
CA ALA A 37 -13.96 1.25 -3.33
C ALA A 37 -13.53 1.80 -1.98
N GLY A 38 -14.49 1.93 -1.09
CA GLY A 38 -14.26 2.54 0.21
C GLY A 38 -15.09 3.80 0.40
N GLY A 39 -15.04 4.30 1.63
CA GLY A 39 -15.82 5.46 2.01
C GLY A 39 -14.98 6.71 2.14
N PRO A 40 -15.61 7.79 2.59
CA PRO A 40 -14.94 9.10 2.57
C PRO A 40 -13.79 9.18 3.57
N ALA A 41 -12.71 9.82 3.15
CA ALA A 41 -11.69 10.31 4.06
C ALA A 41 -12.09 11.70 4.53
N GLN A 42 -12.11 11.90 5.85
CA GLN A 42 -12.60 13.17 6.38
C GLN A 42 -11.89 14.35 5.71
N VAL A 43 -10.56 14.35 5.72
CA VAL A 43 -9.79 15.35 5.00
C VAL A 43 -8.54 14.69 4.41
N LEU A 44 -8.37 14.87 3.10
CA LEU A 44 -7.15 14.49 2.41
C LEU A 44 -6.16 15.65 2.44
N PHE A 45 -4.92 15.39 2.85
CA PHE A 45 -3.85 16.37 2.79
C PHE A 45 -2.75 15.85 1.88
N GLN A 46 -2.20 16.74 1.06
CA GLN A 46 -1.14 16.41 0.10
C GLN A 46 -0.02 17.42 0.25
N PRO A 47 0.91 17.19 1.19
CA PRO A 47 1.96 18.19 1.44
C PRO A 47 2.83 18.42 0.22
N SER A 48 3.25 19.67 0.04
CA SER A 48 4.04 20.02 -1.14
C SER A 48 5.47 19.52 -1.01
N ASP A 49 6.09 19.70 0.15
CA ASP A 49 7.44 19.20 0.40
C ASP A 49 7.53 18.72 1.85
N GLU A 50 8.67 18.14 2.19
CA GLU A 50 8.86 17.60 3.53
C GLU A 50 8.53 18.61 4.60
N GLU A 51 8.74 19.90 4.32
CA GLU A 51 8.49 20.92 5.32
C GLU A 51 7.02 21.26 5.42
N ASP A 52 6.28 21.20 4.31
CA ASP A 52 4.82 21.28 4.40
C ASP A 52 4.27 20.17 5.28
N LEU A 53 4.79 18.95 5.14
CA LEU A 53 4.42 17.85 6.02
C LEU A 53 4.80 18.16 7.46
N SER A 54 6.08 18.44 7.70
CA SER A 54 6.53 18.71 9.07
C SER A 54 5.70 19.79 9.72
N ALA A 55 5.40 20.86 8.98
CA ALA A 55 4.55 21.93 9.52
C ALA A 55 3.17 21.40 9.87
N PHE A 56 2.62 20.51 9.03
CA PHE A 56 1.27 19.99 9.25
C PHE A 56 1.22 19.01 10.41
N LEU A 57 2.35 18.35 10.71
CA LEU A 57 2.40 17.46 11.87
C LEU A 57 2.54 18.25 13.16
N LYS A 58 3.39 19.28 13.16
CA LYS A 58 3.46 20.18 14.30
C LYS A 58 2.12 20.87 14.56
N ALA A 59 1.31 21.05 13.51
CA ALA A 59 0.09 21.82 13.61
C ALA A 59 -1.09 20.99 14.12
N VAL A 60 -1.24 19.76 13.64
CA VAL A 60 -2.41 18.94 13.98
C VAL A 60 -2.18 18.32 15.36
N PRO A 61 -3.17 18.33 16.25
CA PRO A 61 -2.99 17.71 17.56
C PRO A 61 -3.08 16.20 17.51
N GLU A 62 -2.45 15.56 18.51
CA GLU A 62 -2.23 14.13 18.48
C GLU A 62 -3.53 13.32 18.58
N GLU A 63 -4.58 13.89 19.15
CA GLU A 63 -5.83 13.13 19.31
C GLU A 63 -6.54 12.88 18.00
N ILE A 64 -6.15 13.56 16.93
CA ILE A 64 -6.80 13.40 15.63
C ILE A 64 -6.07 12.31 14.86
N PRO A 65 -6.77 11.27 14.38
CA PRO A 65 -6.06 10.17 13.72
C PRO A 65 -5.50 10.55 12.37
N LEU A 66 -4.28 10.09 12.10
CA LEU A 66 -3.58 10.31 10.84
C LEU A 66 -3.34 8.97 10.15
N LEU A 67 -3.44 8.97 8.83
CA LEU A 67 -3.12 7.80 8.03
C LEU A 67 -2.37 8.24 6.79
N VAL A 68 -1.22 7.62 6.54
CA VAL A 68 -0.43 7.88 5.34
C VAL A 68 -0.73 6.80 4.32
N VAL A 69 -0.97 7.22 3.08
CA VAL A 69 -1.16 6.30 1.97
C VAL A 69 -0.26 6.77 0.83
N GLY A 70 0.16 5.81 0.01
CA GLY A 70 0.81 6.14 -1.23
C GLY A 70 -0.16 6.04 -2.37
N ILE A 71 -0.03 4.98 -3.15
CA ILE A 71 -0.91 4.76 -4.30
C ILE A 71 -2.15 3.97 -3.91
N GLY A 72 -2.23 3.48 -2.68
CA GLY A 72 -3.39 2.74 -2.23
C GLY A 72 -3.59 1.45 -2.98
N SER A 73 -2.52 0.71 -3.21
CA SER A 73 -2.59 -0.59 -3.88
C SER A 73 -2.59 -1.76 -2.91
N ASN A 74 -2.52 -1.49 -1.60
CA ASN A 74 -2.59 -2.53 -0.59
C ASN A 74 -3.64 -2.24 0.47
N LEU A 75 -4.66 -1.45 0.14
CA LEU A 75 -5.65 -1.00 1.11
C LEU A 75 -7.06 -1.39 0.68
N LEU A 76 -7.79 -2.00 1.61
CA LEU A 76 -9.22 -2.27 1.46
C LEU A 76 -9.94 -1.36 2.44
N VAL A 77 -10.53 -0.29 1.94
CA VAL A 77 -11.16 0.73 2.76
C VAL A 77 -12.64 0.41 2.93
N ARG A 78 -13.13 0.51 4.16
CA ARG A 78 -14.52 0.20 4.45
C ARG A 78 -15.41 1.38 4.06
N ASP A 79 -16.69 1.08 3.86
CA ASP A 79 -17.63 2.05 3.29
C ASP A 79 -18.02 3.16 4.25
N GLY A 80 -17.59 3.09 5.51
CA GLY A 80 -17.87 4.16 6.45
C GLY A 80 -16.84 5.27 6.40
N GLY A 81 -15.68 4.97 5.84
CA GLY A 81 -14.65 5.98 5.65
C GLY A 81 -13.59 5.95 6.73
N VAL A 82 -12.76 6.99 6.70
CA VAL A 82 -11.59 7.09 7.57
C VAL A 82 -11.63 8.41 8.34
N PRO A 83 -11.81 8.40 9.65
CA PRO A 83 -11.79 9.65 10.42
C PRO A 83 -10.41 10.28 10.46
N GLY A 84 -10.40 11.57 10.74
CA GLY A 84 -9.16 12.33 10.83
C GLY A 84 -8.60 12.70 9.48
N PHE A 85 -7.28 12.66 9.36
CA PHE A 85 -6.60 13.08 8.14
C PHE A 85 -6.00 11.90 7.41
N VAL A 86 -6.03 11.97 6.08
CA VAL A 86 -5.33 11.02 5.21
C VAL A 86 -4.27 11.81 4.46
N VAL A 87 -3.02 11.36 4.55
CA VAL A 87 -1.88 12.06 3.97
C VAL A 87 -1.39 11.26 2.78
N ARG A 88 -1.43 11.86 1.60
CA ARG A 88 -0.79 11.32 0.40
C ARG A 88 0.24 12.34 -0.06
N LEU A 89 1.51 12.03 0.17
CA LEU A 89 2.58 12.96 -0.16
C LEU A 89 2.56 13.27 -1.66
N SER A 90 3.03 14.47 -2.02
CA SER A 90 2.92 14.94 -3.39
C SER A 90 3.95 14.26 -4.28
N ALA A 91 3.51 13.88 -5.48
CA ALA A 91 4.43 13.36 -6.48
C ALA A 91 5.57 14.34 -6.73
N LYS A 92 5.21 15.58 -7.09
CA LYS A 92 6.23 16.60 -7.38
C LYS A 92 7.20 16.76 -6.22
N GLY A 93 6.70 16.67 -4.99
CA GLY A 93 7.53 16.94 -3.83
C GLY A 93 8.36 15.76 -3.37
N PHE A 94 7.83 14.54 -3.53
CA PHE A 94 8.45 13.36 -2.95
C PHE A 94 8.63 12.24 -3.97
N GLY A 95 8.60 12.55 -5.27
CA GLY A 95 8.73 11.55 -6.30
C GLY A 95 10.07 11.49 -6.99
N GLU A 96 11.06 12.24 -6.52
CA GLU A 96 12.34 12.33 -7.22
C GLU A 96 13.16 11.06 -7.03
N VAL A 97 13.77 10.61 -8.13
CA VAL A 97 14.67 9.46 -8.13
C VAL A 97 15.96 9.91 -8.82
N GLU A 98 17.06 9.92 -8.07
CA GLU A 98 18.34 10.37 -8.61
C GLU A 98 19.46 9.43 -8.18
N GLN A 99 20.46 9.29 -9.05
CA GLN A 99 21.67 8.57 -8.68
C GLN A 99 22.61 9.51 -7.96
N VAL A 100 23.26 8.98 -6.92
CA VAL A 100 24.14 9.78 -6.07
C VAL A 100 25.61 9.41 -6.27
N CYS A 101 25.91 8.16 -6.57
CA CYS A 101 27.27 7.75 -6.85
C CYS A 101 27.25 6.74 -7.99
N ASP A 102 27.82 5.55 -7.80
CA ASP A 102 27.87 4.55 -8.85
C ASP A 102 27.18 3.25 -8.46
N THR A 103 26.66 3.16 -7.24
CA THR A 103 25.96 1.98 -6.78
C THR A 103 24.66 2.32 -6.05
N GLN A 104 24.36 3.59 -5.84
CA GLN A 104 23.29 4.01 -4.94
C GLN A 104 22.30 4.91 -5.65
N LEU A 105 21.05 4.83 -5.19
CA LEU A 105 19.95 5.66 -5.69
C LEU A 105 19.22 6.26 -4.50
N ARG A 106 18.79 7.52 -4.64
CA ARG A 106 17.93 8.17 -3.67
C ARG A 106 16.55 8.37 -4.31
N ALA A 107 15.51 7.99 -3.58
CA ALA A 107 14.15 8.07 -4.08
C ALA A 107 13.23 8.63 -3.01
N GLY A 108 12.51 9.70 -3.35
CA GLY A 108 11.43 10.16 -2.49
C GLY A 108 10.35 9.11 -2.34
N ALA A 109 9.60 9.22 -1.24
CA ALA A 109 8.67 8.16 -0.86
C ALA A 109 7.47 8.07 -1.79
N ALA A 110 7.15 9.14 -2.53
CA ALA A 110 6.04 9.09 -3.47
C ALA A 110 6.43 8.49 -4.81
N ALA A 111 7.71 8.36 -5.09
CA ALA A 111 8.18 7.83 -6.37
C ALA A 111 7.59 6.45 -6.62
N PRO A 112 6.86 6.24 -7.71
CA PRO A 112 6.39 4.88 -8.01
C PRO A 112 7.56 3.91 -8.10
N ASP A 113 7.31 2.68 -7.64
CA ASP A 113 8.35 1.66 -7.70
C ASP A 113 8.94 1.56 -9.10
N LYS A 114 8.08 1.65 -10.13
CA LYS A 114 8.54 1.45 -11.50
C LYS A 114 9.54 2.53 -11.92
N ARG A 115 9.47 3.72 -11.32
CA ARG A 115 10.48 4.73 -11.61
C ARG A 115 11.84 4.33 -11.05
N VAL A 116 11.85 3.59 -9.93
CA VAL A 116 13.11 3.11 -9.39
C VAL A 116 13.65 1.95 -10.23
N ALA A 117 12.76 1.21 -10.88
CA ALA A 117 13.21 0.21 -11.86
C ALA A 117 13.95 0.87 -13.02
N ALA A 118 13.31 1.85 -13.66
CA ALA A 118 13.94 2.52 -14.80
C ALA A 118 15.21 3.25 -14.39
N ALA A 119 15.22 3.82 -13.18
CA ALA A 119 16.39 4.59 -12.76
C ALA A 119 17.60 3.69 -12.55
N ALA A 120 17.39 2.47 -12.05
CA ALA A 120 18.49 1.54 -11.88
C ALA A 120 19.01 1.05 -13.22
N LEU A 121 18.12 0.83 -14.20
CA LEU A 121 18.56 0.45 -15.53
C LEU A 121 19.44 1.54 -16.14
N GLU A 122 19.04 2.80 -15.98
CA GLU A 122 19.77 3.96 -16.47
C GLU A 122 21.05 4.21 -15.67
N ALA A 123 21.35 3.37 -14.69
CA ALA A 123 22.53 3.52 -13.86
C ALA A 123 23.34 2.24 -13.83
N GLY A 124 22.90 1.19 -14.51
CA GLY A 124 23.59 -0.08 -14.50
C GLY A 124 23.64 -0.63 -13.09
N LEU A 125 22.47 -0.96 -12.55
CA LEU A 125 22.36 -1.48 -11.20
C LEU A 125 21.36 -2.62 -11.20
N ALA A 126 21.82 -3.79 -10.79
CA ALA A 126 21.00 -4.99 -10.75
C ALA A 126 20.30 -5.10 -9.40
N GLY A 127 19.21 -5.86 -9.39
CA GLY A 127 18.43 -6.06 -8.19
C GLY A 127 17.28 -5.11 -8.01
N PHE A 128 17.02 -4.22 -8.97
CA PHE A 128 15.89 -3.30 -8.91
C PHE A 128 14.78 -3.68 -9.88
N HIS A 129 14.93 -4.79 -10.59
CA HIS A 129 13.96 -5.20 -11.61
C HIS A 129 12.62 -5.62 -11.01
N PHE A 130 12.57 -5.92 -9.72
CA PHE A 130 11.32 -6.36 -9.11
C PHE A 130 10.38 -5.20 -8.82
N TYR A 131 10.90 -3.97 -8.77
CA TYR A 131 10.05 -2.79 -8.68
C TYR A 131 9.34 -2.48 -10.00
N HIS A 132 9.71 -3.15 -11.09
CA HIS A 132 9.09 -2.90 -12.38
C HIS A 132 7.68 -3.49 -12.46
N GLY A 133 7.33 -4.41 -11.58
CA GLY A 133 6.04 -5.07 -11.62
C GLY A 133 5.09 -4.64 -10.52
N ILE A 134 5.63 -4.08 -9.45
CA ILE A 134 4.83 -3.70 -8.28
C ILE A 134 4.28 -2.30 -8.53
N PRO A 135 2.96 -2.13 -8.61
CA PRO A 135 2.39 -0.83 -8.98
C PRO A 135 2.28 0.17 -7.84
N GLY A 136 2.86 -0.13 -6.68
CA GLY A 136 2.78 0.76 -5.54
C GLY A 136 3.85 1.83 -5.57
N GLY A 137 3.96 2.54 -4.44
CA GLY A 137 4.95 3.58 -4.28
C GLY A 137 6.06 3.14 -3.33
N ILE A 138 7.12 3.95 -3.31
CA ILE A 138 8.30 3.58 -2.53
C ILE A 138 8.03 3.72 -1.03
N GLY A 139 7.12 4.61 -0.65
CA GLY A 139 6.76 4.72 0.75
C GLY A 139 6.12 3.45 1.29
N GLY A 140 5.24 2.84 0.49
CA GLY A 140 4.61 1.59 0.91
C GLY A 140 5.52 0.40 0.78
N ALA A 141 6.44 0.41 -0.19
CA ALA A 141 7.44 -0.65 -0.27
C ALA A 141 8.26 -0.72 1.00
N LEU A 142 8.79 0.42 1.45
CA LEU A 142 9.61 0.43 2.66
C LEU A 142 8.82 -0.06 3.86
N ARG A 143 7.51 0.18 3.88
CA ARG A 143 6.70 -0.20 5.03
C ARG A 143 6.27 -1.67 4.93
N MET A 144 5.94 -2.12 3.72
CA MET A 144 5.50 -3.49 3.48
C MET A 144 6.62 -4.45 3.13
N ASN A 145 7.88 -4.01 3.24
CA ASN A 145 9.00 -4.78 2.71
C ASN A 145 8.59 -5.46 1.41
N ALA A 146 8.09 -4.65 0.48
CA ALA A 146 7.53 -5.18 -0.75
C ALA A 146 8.57 -6.00 -1.50
N GLY A 147 8.11 -7.05 -2.16
CA GLY A 147 9.03 -7.98 -2.81
C GLY A 147 8.31 -8.85 -3.81
N ALA A 148 9.08 -9.32 -4.80
CA ALA A 148 8.59 -10.25 -5.80
C ALA A 148 9.80 -10.86 -6.49
N ASN A 149 9.56 -11.94 -7.21
CA ASN A 149 10.58 -12.60 -8.03
C ASN A 149 11.79 -13.05 -7.19
N GLY A 150 11.64 -13.15 -5.88
CA GLY A 150 12.74 -13.54 -5.02
C GLY A 150 13.57 -12.41 -4.47
N VAL A 151 13.16 -11.16 -4.69
CA VAL A 151 13.83 -9.99 -4.12
C VAL A 151 12.83 -9.24 -3.26
N GLU A 152 13.31 -8.72 -2.13
CA GLU A 152 12.49 -7.88 -1.26
C GLU A 152 13.12 -6.50 -1.14
N THR A 153 12.31 -5.56 -0.64
CA THR A 153 12.79 -4.20 -0.45
C THR A 153 13.96 -4.15 0.52
N ARG A 154 13.94 -5.01 1.54
CA ARG A 154 14.93 -4.91 2.61
C ARG A 154 16.36 -5.02 2.09
N GLU A 155 16.56 -5.72 0.98
CA GLU A 155 17.90 -6.00 0.49
C GLU A 155 18.55 -4.82 -0.22
N ARG A 156 17.75 -3.85 -0.67
CA ARG A 156 18.28 -2.67 -1.35
C ARG A 156 18.23 -1.43 -0.48
N VAL A 157 17.68 -1.51 0.73
CA VAL A 157 17.53 -0.35 1.59
C VAL A 157 18.85 -0.08 2.32
N VAL A 158 19.40 1.11 2.13
CA VAL A 158 20.56 1.55 2.89
C VAL A 158 20.07 2.28 4.14
N GLU A 159 19.60 3.52 3.96
CA GLU A 159 19.06 4.32 5.05
C GLU A 159 17.74 4.94 4.63
N VAL A 160 16.84 5.10 5.60
CA VAL A 160 15.54 5.70 5.38
C VAL A 160 15.46 7.00 6.16
N ARG A 161 14.69 7.94 5.64
CA ARG A 161 14.47 9.25 6.24
C ARG A 161 12.97 9.44 6.45
N ALA A 162 12.60 9.87 7.65
CA ALA A 162 11.18 9.90 8.02
C ALA A 162 10.92 11.05 8.97
N LEU A 163 9.64 11.40 9.10
CA LEU A 163 9.16 12.32 10.13
C LEU A 163 8.30 11.55 11.11
N ASP A 164 8.41 11.91 12.39
CA ASP A 164 7.53 11.37 13.41
C ASP A 164 6.34 12.30 13.58
N ARG A 165 5.39 11.90 14.44
CA ARG A 165 4.13 12.62 14.57
C ARG A 165 4.34 14.01 15.17
N LYS A 166 5.51 14.31 15.71
CA LYS A 166 5.86 15.66 16.14
C LYS A 166 6.68 16.41 15.10
N GLY A 167 6.74 15.90 13.87
CA GLY A 167 7.40 16.61 12.79
C GLY A 167 8.91 16.68 12.88
N GLU A 168 9.54 15.81 13.64
CA GLU A 168 10.99 15.82 13.81
C GLU A 168 11.62 14.71 12.96
N VAL A 169 12.74 15.04 12.33
CA VAL A 169 13.33 14.17 11.31
C VAL A 169 13.99 12.96 11.94
N HIS A 170 14.05 11.86 11.18
CA HIS A 170 14.69 10.62 11.62
C HIS A 170 15.35 9.96 10.43
N VAL A 171 16.66 9.78 10.48
CA VAL A 171 17.41 9.01 9.48
C VAL A 171 17.66 7.64 10.08
N LEU A 172 16.90 6.63 9.63
CA LEU A 172 16.96 5.29 10.18
C LEU A 172 17.53 4.32 9.14
N SER A 173 18.13 3.23 9.64
CA SER A 173 18.94 2.34 8.82
C SER A 173 18.25 1.00 8.59
N ASN A 174 18.84 0.21 7.68
CA ASN A 174 18.29 -1.09 7.33
C ASN A 174 18.06 -1.96 8.56
N ALA A 175 18.95 -1.85 9.55
CA ALA A 175 18.74 -2.60 10.79
C ALA A 175 17.56 -2.06 11.58
N ASP A 176 17.46 -0.73 11.68
CA ASP A 176 16.37 -0.12 12.43
C ASP A 176 15.00 -0.49 11.83
N MET A 177 14.95 -0.71 10.51
CA MET A 177 13.67 -1.00 9.89
C MET A 177 13.07 -2.29 10.41
N GLY A 178 13.90 -3.21 10.90
CA GLY A 178 13.41 -4.45 11.46
C GLY A 178 12.56 -5.21 10.46
N TYR A 179 13.20 -5.72 9.40
CA TYR A 179 12.47 -6.27 8.28
C TYR A 179 12.21 -7.76 8.46
N ALA A 180 11.12 -8.21 7.86
CA ALA A 180 10.72 -9.61 7.85
C ALA A 180 9.84 -9.80 6.61
N TYR A 181 9.22 -10.96 6.46
CA TYR A 181 8.28 -11.14 5.38
C TYR A 181 7.18 -10.09 5.48
N ARG A 182 7.09 -9.25 4.45
CA ARG A 182 6.04 -8.25 4.35
C ARG A 182 5.82 -7.53 5.68
N HIS A 183 6.91 -7.02 6.26
CA HIS A 183 6.83 -6.40 7.57
C HIS A 183 8.06 -5.55 7.85
N SER A 184 7.84 -4.39 8.49
CA SER A 184 8.90 -3.59 9.08
C SER A 184 8.52 -3.24 10.52
N SER A 185 9.52 -3.24 11.39
CA SER A 185 9.32 -2.93 12.81
C SER A 185 9.39 -1.44 13.11
N ALA A 186 9.55 -0.60 12.10
CA ALA A 186 9.61 0.84 12.34
C ALA A 186 8.30 1.34 12.93
N SER A 187 8.40 2.39 13.74
CA SER A 187 7.23 2.90 14.43
C SER A 187 6.13 3.23 13.43
N PRO A 188 4.85 3.02 13.78
CA PRO A 188 3.77 3.32 12.84
C PRO A 188 3.41 4.79 12.75
N ASP A 189 3.91 5.64 13.64
CA ASP A 189 3.72 7.08 13.53
C ASP A 189 4.71 7.72 12.56
N LEU A 190 5.64 6.95 12.02
CA LEU A 190 6.66 7.50 11.14
C LEU A 190 6.14 7.64 9.72
N ILE A 191 6.47 8.76 9.09
CA ILE A 191 6.14 9.01 7.69
C ILE A 191 7.45 9.04 6.90
N PHE A 192 7.63 8.06 6.03
CA PHE A 192 8.80 7.99 5.17
C PHE A 192 8.76 9.08 4.10
N THR A 193 9.85 9.82 3.99
CA THR A 193 9.99 10.89 3.00
C THR A 193 10.96 10.56 1.88
N SER A 194 12.01 9.80 2.15
CA SER A 194 12.91 9.33 1.10
C SER A 194 13.76 8.20 1.65
N VAL A 195 14.54 7.59 0.77
CA VAL A 195 15.33 6.41 1.08
C VAL A 195 16.57 6.42 0.20
N LEU A 196 17.63 5.78 0.69
CA LEU A 196 18.84 5.57 -0.10
C LEU A 196 18.92 4.10 -0.46
N PHE A 197 19.03 3.83 -1.77
CA PHE A 197 19.07 2.48 -2.29
C PHE A 197 20.49 2.14 -2.76
N GLU A 198 20.81 0.86 -2.76
CA GLU A 198 22.14 0.39 -3.18
C GLU A 198 22.00 -0.95 -3.88
N GLY A 199 22.46 -1.02 -5.12
CA GLY A 199 22.46 -2.26 -5.87
C GLY A 199 23.83 -2.54 -6.46
N VAL A 200 24.02 -3.79 -6.86
CA VAL A 200 25.31 -4.21 -7.42
C VAL A 200 25.35 -3.83 -8.90
N PRO A 201 26.41 -3.16 -9.36
CA PRO A 201 26.46 -2.73 -10.76
C PRO A 201 26.41 -3.93 -11.72
N GLY A 202 25.75 -3.74 -12.86
CA GLY A 202 25.52 -4.86 -13.77
C GLY A 202 25.32 -4.41 -15.20
N GLU A 203 25.31 -5.42 -16.08
CA GLU A 203 25.13 -5.18 -17.51
C GLU A 203 23.69 -4.81 -17.81
N ARG A 204 23.51 -3.79 -18.67
CA ARG A 204 22.17 -3.27 -18.91
C ARG A 204 21.33 -4.23 -19.73
N ASP A 205 21.93 -4.92 -20.70
CA ASP A 205 21.18 -5.92 -21.45
C ASP A 205 20.59 -6.97 -20.53
N ASP A 206 21.24 -7.22 -19.38
CA ASP A 206 20.70 -8.15 -18.40
C ASP A 206 19.58 -7.51 -17.60
N ILE A 207 19.75 -6.25 -17.19
CA ILE A 207 18.72 -5.57 -16.41
C ILE A 207 17.44 -5.45 -17.23
N ARG A 208 17.57 -5.13 -18.52
CA ARG A 208 16.41 -5.19 -19.42
C ARG A 208 15.77 -6.56 -19.37
N ARG A 209 16.57 -7.59 -19.66
CA ARG A 209 16.06 -8.97 -19.71
C ARG A 209 15.21 -9.28 -18.48
N ALA A 210 15.77 -9.05 -17.28
CA ALA A 210 15.02 -9.36 -16.07
C ALA A 210 13.76 -8.53 -15.95
N MET A 211 13.81 -7.26 -16.38
CA MET A 211 12.62 -6.42 -16.32
C MET A 211 11.58 -6.86 -17.34
N ASP A 212 11.99 -7.42 -18.47
CA ASP A 212 11.05 -7.93 -19.44
C ASP A 212 10.48 -9.27 -19.00
N GLU A 213 11.25 -10.05 -18.26
CA GLU A 213 10.72 -11.28 -17.67
C GLU A 213 9.80 -10.97 -16.51
N VAL A 214 10.14 -9.95 -15.72
CA VAL A 214 9.25 -9.50 -14.66
C VAL A 214 7.91 -9.08 -15.24
N GLN A 215 7.93 -8.25 -16.26
CA GLN A 215 6.67 -7.74 -16.83
C GLN A 215 5.90 -8.84 -17.56
N HIS A 216 6.59 -9.78 -18.18
CA HIS A 216 5.90 -10.87 -18.87
C HIS A 216 5.14 -11.74 -17.88
N HIS A 217 5.72 -11.98 -16.71
CA HIS A 217 5.04 -12.73 -15.66
C HIS A 217 3.76 -12.04 -15.24
N ARG A 218 3.85 -10.74 -14.93
CA ARG A 218 2.70 -9.95 -14.54
C ARG A 218 1.58 -10.03 -15.56
N GLU A 219 1.89 -9.79 -16.84
CA GLU A 219 0.86 -9.78 -17.87
C GLU A 219 0.25 -11.15 -18.12
N THR A 220 0.93 -12.22 -17.69
CA THR A 220 0.54 -13.57 -18.06
C THR A 220 -0.13 -14.35 -16.94
N VAL A 221 0.25 -14.12 -15.68
CA VAL A 221 -0.25 -14.91 -14.57
C VAL A 221 -1.01 -14.09 -13.54
N GLN A 222 -1.09 -12.77 -13.68
CA GLN A 222 -1.75 -11.95 -12.68
C GLN A 222 -2.66 -10.92 -13.34
N PRO A 223 -3.77 -10.55 -12.67
CA PRO A 223 -4.77 -9.63 -13.25
C PRO A 223 -4.43 -8.17 -12.96
N VAL A 224 -3.24 -7.74 -13.36
CA VAL A 224 -2.69 -6.48 -12.88
C VAL A 224 -3.20 -5.28 -13.67
N ARG A 225 -4.15 -5.50 -14.58
CA ARG A 225 -4.86 -4.40 -15.23
C ARG A 225 -6.22 -4.11 -14.59
N GLU A 226 -6.58 -4.84 -13.53
CA GLU A 226 -7.89 -4.74 -12.91
C GLU A 226 -7.80 -3.91 -11.63
N LYS A 227 -8.97 -3.56 -11.10
CA LYS A 227 -9.06 -2.91 -9.80
C LYS A 227 -8.92 -3.98 -8.72
N THR A 228 -7.75 -4.02 -8.10
CA THR A 228 -7.42 -5.06 -7.14
C THR A 228 -6.31 -4.53 -6.23
N GLY A 229 -6.18 -5.16 -5.08
CA GLY A 229 -5.08 -4.87 -4.17
C GLY A 229 -3.97 -5.89 -4.24
N GLY A 230 -4.03 -6.82 -5.18
CA GLY A 230 -2.93 -7.75 -5.41
C GLY A 230 -3.21 -9.10 -4.76
N SER A 231 -2.26 -9.59 -3.97
CA SER A 231 -2.36 -10.89 -3.35
C SER A 231 -3.10 -10.74 -2.03
N THR A 232 -4.31 -11.30 -1.98
CA THR A 232 -5.18 -11.12 -0.82
C THR A 232 -4.56 -11.71 0.44
N PHE A 233 -4.10 -12.96 0.37
CA PHE A 233 -3.65 -13.70 1.53
C PHE A 233 -2.24 -14.23 1.34
N LYS A 234 -1.51 -14.33 2.44
CA LYS A 234 -0.19 -14.94 2.44
C LYS A 234 -0.29 -16.42 2.08
N ASN A 235 0.75 -16.91 1.42
CA ASN A 235 0.82 -18.33 1.09
C ASN A 235 1.07 -19.12 2.37
N PRO A 236 0.22 -20.08 2.72
CA PRO A 236 0.51 -20.90 3.92
C PRO A 236 1.72 -21.78 3.68
N GLU A 237 2.52 -21.96 4.73
CA GLU A 237 3.73 -22.77 4.62
C GLU A 237 3.40 -24.12 3.98
N GLY A 238 4.26 -24.53 3.05
CA GLY A 238 4.09 -25.81 2.39
C GLY A 238 2.99 -25.88 1.38
N THR A 239 2.38 -24.74 1.03
CA THR A 239 1.37 -24.69 -0.02
C THR A 239 1.25 -23.24 -0.45
N SER A 240 0.21 -22.93 -1.24
CA SER A 240 0.00 -21.58 -1.74
C SER A 240 -1.45 -21.19 -1.61
N ALA A 241 -1.69 -19.90 -1.36
CA ALA A 241 -3.04 -19.40 -1.13
C ALA A 241 -3.93 -19.69 -2.33
N TRP A 242 -3.49 -19.36 -3.54
CA TRP A 242 -4.36 -19.51 -4.69
C TRP A 242 -4.79 -20.94 -4.86
N LYS A 243 -3.92 -21.85 -4.46
CA LYS A 243 -4.26 -23.24 -4.58
C LYS A 243 -5.29 -23.68 -3.58
N GLU A 244 -5.02 -23.39 -2.32
CA GLU A 244 -5.96 -23.68 -1.27
C GLU A 244 -7.29 -22.98 -1.51
N ILE A 245 -7.27 -21.84 -2.22
CA ILE A 245 -8.51 -21.15 -2.56
C ILE A 245 -9.24 -21.89 -3.67
N ASP A 246 -8.53 -22.22 -4.75
CA ASP A 246 -9.14 -22.99 -5.83
C ASP A 246 -9.66 -24.33 -5.32
N LYS A 247 -8.95 -24.93 -4.35
CA LYS A 247 -9.40 -26.19 -3.78
C LYS A 247 -10.74 -26.02 -3.07
N ALA A 248 -10.87 -24.96 -2.28
CA ALA A 248 -12.11 -24.69 -1.57
C ALA A 248 -13.25 -24.39 -2.53
N GLY A 249 -12.95 -24.34 -3.83
CA GLY A 249 -13.98 -24.09 -4.83
C GLY A 249 -14.28 -22.63 -5.07
N CYS A 250 -13.35 -21.74 -4.75
CA CYS A 250 -13.63 -20.31 -4.67
C CYS A 250 -13.22 -19.52 -5.89
N ARG A 251 -12.58 -20.14 -6.89
CA ARG A 251 -12.25 -19.44 -8.12
C ARG A 251 -13.53 -18.92 -8.76
N GLY A 252 -13.61 -17.60 -8.94
CA GLY A 252 -14.79 -16.97 -9.50
C GLY A 252 -15.85 -16.58 -8.48
N LEU A 253 -15.63 -16.86 -7.20
CA LEU A 253 -16.65 -16.59 -6.19
C LEU A 253 -16.96 -15.09 -6.12
N ARG A 254 -18.25 -14.78 -6.02
CA ARG A 254 -18.74 -13.41 -6.07
C ARG A 254 -19.41 -13.02 -4.76
N VAL A 255 -19.19 -11.77 -4.36
CA VAL A 255 -20.03 -11.10 -3.36
C VAL A 255 -20.33 -9.70 -3.85
N GLY A 256 -21.52 -9.50 -4.41
CA GLY A 256 -21.86 -8.19 -4.95
C GLY A 256 -21.04 -7.90 -6.18
N GLY A 257 -20.37 -6.76 -6.18
CA GLY A 257 -19.49 -6.39 -7.27
C GLY A 257 -18.09 -6.96 -7.19
N ALA A 258 -17.80 -7.73 -6.14
CA ALA A 258 -16.48 -8.28 -5.91
C ALA A 258 -16.41 -9.72 -6.39
N GLN A 259 -15.30 -10.09 -7.00
CA GLN A 259 -15.10 -11.46 -7.46
C GLN A 259 -13.66 -11.89 -7.19
N MET A 260 -13.52 -13.19 -6.92
CA MET A 260 -12.20 -13.81 -6.86
C MET A 260 -11.75 -14.11 -8.29
N SER A 261 -10.61 -13.54 -8.68
CA SER A 261 -10.21 -13.56 -10.08
C SER A 261 -10.06 -14.98 -10.59
N GLU A 262 -10.78 -15.31 -11.66
CA GLU A 262 -10.63 -16.61 -12.30
C GLU A 262 -9.24 -16.80 -12.90
N MET A 263 -8.51 -15.71 -13.16
CA MET A 263 -7.17 -15.83 -13.71
C MET A 263 -6.17 -16.24 -12.64
N HIS A 264 -6.24 -15.59 -11.48
CA HIS A 264 -5.31 -15.86 -10.38
C HIS A 264 -6.11 -15.63 -9.10
N CYS A 265 -6.45 -16.71 -8.41
CA CYS A 265 -7.52 -16.70 -7.42
C CYS A 265 -7.06 -16.31 -6.02
N ASN A 266 -5.85 -15.75 -5.89
CA ASN A 266 -5.49 -14.97 -4.70
C ASN A 266 -5.66 -13.48 -4.93
N PHE A 267 -6.25 -13.09 -6.06
CA PHE A 267 -6.57 -11.69 -6.36
C PHE A 267 -8.06 -11.47 -6.27
N MET A 268 -8.46 -10.40 -5.59
CA MET A 268 -9.85 -9.97 -5.47
C MET A 268 -10.09 -8.83 -6.44
N ILE A 269 -11.13 -8.94 -7.27
CA ILE A 269 -11.40 -7.97 -8.32
C ILE A 269 -12.70 -7.24 -8.05
N ASN A 270 -12.65 -5.92 -8.14
CA ASN A 270 -13.84 -5.06 -8.22
C ASN A 270 -14.26 -5.01 -9.67
N THR A 271 -15.33 -5.74 -10.01
CA THR A 271 -15.82 -5.80 -11.38
C THR A 271 -16.59 -4.55 -11.80
N GLY A 272 -16.47 -3.44 -11.06
CA GLY A 272 -17.16 -2.22 -11.45
C GLY A 272 -17.72 -1.42 -10.28
N ASN A 273 -18.70 -1.98 -9.57
CA ASN A 273 -19.40 -1.29 -8.50
C ASN A 273 -19.39 -2.12 -7.23
N ALA A 274 -18.21 -2.62 -6.86
CA ALA A 274 -18.03 -3.31 -5.59
C ALA A 274 -17.88 -2.29 -4.47
N THR A 275 -18.53 -2.57 -3.34
CA THR A 275 -18.35 -1.78 -2.14
C THR A 275 -17.19 -2.34 -1.32
N GLY A 276 -16.75 -1.56 -0.33
CA GLY A 276 -15.82 -2.10 0.64
C GLY A 276 -16.35 -3.33 1.33
N HIS A 277 -17.63 -3.31 1.69
CA HIS A 277 -18.26 -4.48 2.32
C HIS A 277 -18.22 -5.69 1.39
N ASP A 278 -18.37 -5.46 0.08
CA ASP A 278 -18.31 -6.56 -0.88
C ASP A 278 -16.96 -7.27 -0.83
N LEU A 279 -15.88 -6.51 -0.67
CA LEU A 279 -14.55 -7.08 -0.75
C LEU A 279 -14.14 -7.76 0.54
N GLU A 280 -14.41 -7.14 1.68
CA GLU A 280 -14.10 -7.77 2.96
C GLU A 280 -14.98 -8.98 3.22
N THR A 281 -16.21 -8.98 2.68
CA THR A 281 -17.06 -10.15 2.85
C THR A 281 -16.57 -11.31 1.99
N LEU A 282 -16.16 -11.03 0.75
CA LEU A 282 -15.57 -12.06 -0.10
C LEU A 282 -14.33 -12.65 0.56
N GLY A 283 -13.42 -11.78 1.02
CA GLY A 283 -12.22 -12.26 1.68
C GLY A 283 -12.53 -13.18 2.85
N GLU A 284 -13.40 -12.74 3.75
CA GLU A 284 -13.72 -13.55 4.92
C GLU A 284 -14.61 -14.73 4.57
N THR A 285 -15.32 -14.67 3.43
CA THR A 285 -16.01 -15.86 2.94
C THR A 285 -15.01 -16.89 2.43
N VAL A 286 -13.94 -16.44 1.78
CA VAL A 286 -12.91 -17.36 1.31
C VAL A 286 -12.14 -17.95 2.48
N ARG A 287 -11.70 -17.08 3.41
CA ARG A 287 -11.09 -17.55 4.64
C ARG A 287 -11.91 -18.67 5.26
N ALA A 288 -13.22 -18.44 5.39
CA ALA A 288 -14.09 -19.42 6.02
C ALA A 288 -14.10 -20.72 5.25
N ARG A 289 -14.21 -20.64 3.92
CA ARG A 289 -14.33 -21.86 3.12
C ARG A 289 -13.00 -22.60 3.02
N VAL A 290 -11.87 -21.87 3.05
CA VAL A 290 -10.59 -22.55 3.02
C VAL A 290 -10.30 -23.20 4.36
N PHE A 291 -10.63 -22.53 5.46
CA PHE A 291 -10.48 -23.17 6.76
C PHE A 291 -11.29 -24.46 6.82
N GLU A 292 -12.56 -24.40 6.40
CA GLU A 292 -13.41 -25.58 6.45
C GLU A 292 -12.88 -26.68 5.57
N ASN A 293 -12.26 -26.32 4.45
CA ASN A 293 -11.78 -27.31 3.48
C ASN A 293 -10.40 -27.85 3.83
N SER A 294 -9.63 -27.15 4.67
CA SER A 294 -8.23 -27.51 4.86
C SER A 294 -7.71 -27.27 6.27
N GLY A 295 -8.51 -26.62 7.12
CA GLY A 295 -8.03 -26.27 8.45
C GLY A 295 -6.97 -25.20 8.46
N ILE A 296 -6.66 -24.62 7.31
CA ILE A 296 -5.70 -23.51 7.22
C ILE A 296 -6.48 -22.21 7.40
N ARG A 297 -6.00 -21.34 8.29
CA ARG A 297 -6.61 -20.05 8.52
C ARG A 297 -5.75 -19.00 7.82
N LEU A 298 -6.29 -18.42 6.75
CA LEU A 298 -5.50 -17.54 5.91
C LEU A 298 -5.27 -16.19 6.58
N HIS A 299 -4.13 -15.60 6.24
CA HIS A 299 -3.66 -14.36 6.83
C HIS A 299 -3.74 -13.27 5.78
N TRP A 300 -4.42 -12.16 6.11
CA TRP A 300 -4.59 -11.10 5.12
C TRP A 300 -3.24 -10.48 4.77
N GLU A 301 -3.05 -10.18 3.49
CA GLU A 301 -1.90 -9.43 3.02
C GLU A 301 -2.27 -8.00 2.65
N ILE A 302 -3.55 -7.73 2.47
CA ILE A 302 -4.08 -6.39 2.20
C ILE A 302 -4.59 -5.81 3.52
N LYS A 303 -4.33 -4.52 3.74
CA LYS A 303 -4.71 -3.88 4.99
C LYS A 303 -6.16 -3.41 4.94
N ARG A 304 -7.00 -3.98 5.81
CA ARG A 304 -8.36 -3.48 5.98
C ARG A 304 -8.35 -2.26 6.89
N LEU A 305 -9.31 -1.36 6.66
CA LEU A 305 -9.11 0.03 7.02
C LEU A 305 -10.45 0.75 7.04
N GLY A 306 -10.62 1.65 8.00
CA GLY A 306 -11.80 2.48 8.07
C GLY A 306 -12.88 1.90 8.96
N LEU A 307 -14.11 2.37 8.73
CA LEU A 307 -15.25 2.02 9.55
C LEU A 307 -16.31 1.31 8.73
N PHE A 308 -16.99 0.36 9.38
CA PHE A 308 -18.20 -0.20 8.81
C PHE A 308 -19.33 0.83 8.87
N ARG A 309 -20.28 0.70 7.96
CA ARG A 309 -21.51 1.46 8.10
C ARG A 309 -22.36 0.86 9.21
N GLU A 310 -23.30 1.64 9.72
CA GLU A 310 -24.19 1.15 10.75
C GLU A 310 -24.88 -0.13 10.29
N GLY A 311 -24.80 -1.17 11.12
CA GLY A 311 -25.41 -2.43 10.79
C GLY A 311 -24.74 -3.19 9.68
N GLU A 312 -23.44 -2.98 9.47
CA GLU A 312 -22.71 -3.61 8.37
C GLU A 312 -21.34 -4.09 8.84
N GLN A 313 -21.26 -4.58 10.07
CA GLN A 313 -20.03 -5.20 10.53
C GLN A 313 -19.84 -6.55 9.86
N ILE A 314 -18.57 -6.96 9.74
CA ILE A 314 -18.21 -8.26 9.19
C ILE A 314 -17.31 -8.95 10.19
N GLU A 315 -17.63 -10.21 10.50
CA GLU A 315 -16.81 -11.00 11.41
C GLU A 315 -15.77 -11.78 10.62
N GLU A 316 -14.55 -11.82 11.15
CA GLU A 316 -13.51 -12.63 10.53
C GLU A 316 -13.98 -14.07 10.43
N PHE A 317 -13.87 -14.63 9.22
CA PHE A 317 -14.37 -15.95 8.89
C PHE A 317 -15.89 -16.02 8.92
N LEU A 318 -16.55 -14.85 8.87
CA LEU A 318 -18.02 -14.77 8.93
C LEU A 318 -18.55 -15.33 10.24
N GLY A 319 -17.79 -15.17 11.33
CA GLY A 319 -18.19 -15.63 12.63
C GLY A 319 -18.11 -17.13 12.83
N LYS A 320 -17.67 -17.88 11.83
CA LYS A 320 -17.67 -19.34 11.93
C LYS A 320 -16.61 -19.84 12.90
N ILE A 321 -15.47 -19.15 12.98
CA ILE A 321 -14.46 -19.42 13.98
C ILE A 321 -14.00 -18.10 14.57
N VAL A 322 -13.17 -18.20 15.61
CA VAL A 322 -12.56 -17.03 16.21
C VAL A 322 -11.07 -17.33 16.39
#